data_8SBV
#
_entry.id   8SBV
#
_cell.length_a   67.520
_cell.length_b   111.500
_cell.length_c   58.109
_cell.angle_alpha   90.00
_cell.angle_beta   90.00
_cell.angle_gamma   90.00
#
_symmetry.space_group_name_H-M   'P 21 21 2'
#
loop_
_entity.id
_entity.type
_entity.pdbx_description
1 polymer 2,3-dihydroxybenzoate-2,3-dehydrogenase
2 non-polymer 'CHLORIDE ION'
3 non-polymer 'SULFATE ION'
4 non-polymer "ADENOSINE-5'-DIPHOSPHATE"
5 non-polymer 'ACETATE ION'
6 water water
#
_entity_poly.entity_id   1
_entity_poly.type   'polypeptide(L)'
_entity_poly.pdbx_seq_one_letter_code
;MAHHHHHHMNGLDFHGQTVWVTGAGKGIGYATALAFVEAGANVTGFDLAFDGEGYPFATEMLDVADADQVRDVCARLLND
IERLDVLVNAAGILRMGATDQLSAEDWQQTFAVNVGGAFNLFQQTMAQFRRQRGGAIVTVASDAAHTPRIGMSAYGASKA
ALKSLALTVGLELAGSGVRCNLVSPGSTDTDMQRTLWVNEDAEQQRIRGFGEQFKLGIPLGKIARPQEIANTILFLASSH
ASHITLQDIVVDGGSTLGA
;
_entity_poly.pdbx_strand_id   A,B
#
# COMPACT_ATOMS: atom_id res chain seq x y z
N LEU A 12 -20.56 17.17 -19.55
CA LEU A 12 -19.36 16.36 -19.73
C LEU A 12 -19.35 15.60 -21.06
N ASP A 13 -18.57 16.10 -22.00
CA ASP A 13 -18.52 15.61 -23.37
C ASP A 13 -17.18 14.94 -23.60
N PHE A 14 -17.21 13.67 -24.00
CA PHE A 14 -16.01 12.92 -24.33
C PHE A 14 -16.09 12.41 -25.77
N HIS A 15 -16.85 13.11 -26.62
CA HIS A 15 -17.02 12.68 -28.00
C HIS A 15 -15.65 12.47 -28.65
N GLY A 16 -15.49 11.31 -29.27
CA GLY A 16 -14.30 11.03 -30.04
C GLY A 16 -13.10 10.59 -29.25
N GLN A 17 -13.16 10.62 -27.92
CA GLN A 17 -12.02 10.24 -27.10
C GLN A 17 -11.98 8.74 -26.87
N THR A 18 -10.76 8.22 -26.78
CA THR A 18 -10.52 6.81 -26.53
C THR A 18 -10.33 6.65 -25.02
N VAL A 19 -11.15 5.79 -24.41
CA VAL A 19 -11.17 5.60 -22.96
C VAL A 19 -11.04 4.13 -22.64
N TRP A 20 -10.12 3.80 -21.73
CA TRP A 20 -9.94 2.45 -21.20
C TRP A 20 -10.41 2.42 -19.75
N VAL A 21 -11.14 1.36 -19.39
CA VAL A 21 -11.64 1.20 -18.02
C VAL A 21 -11.39 -0.23 -17.58
N THR A 22 -10.68 -0.40 -16.47
CA THR A 22 -10.51 -1.74 -15.91
C THR A 22 -11.58 -2.02 -14.85
N GLY A 23 -11.76 -3.29 -14.53
CA GLY A 23 -12.88 -3.66 -13.70
C GLY A 23 -14.23 -3.39 -14.34
N ALA A 24 -14.31 -3.46 -15.66
CA ALA A 24 -15.47 -2.97 -16.39
C ALA A 24 -16.63 -3.96 -16.46
N GLY A 25 -16.49 -5.16 -15.89
CA GLY A 25 -17.55 -6.15 -15.96
C GLY A 25 -18.70 -5.88 -15.03
N LYS A 26 -18.45 -5.15 -13.95
CA LYS A 26 -19.46 -4.90 -12.93
C LYS A 26 -19.04 -3.70 -12.10
N GLY A 27 -19.93 -3.29 -11.20
CA GLY A 27 -19.54 -2.35 -10.18
C GLY A 27 -19.18 -0.98 -10.73
N ILE A 28 -18.25 -0.31 -10.04
CA ILE A 28 -17.85 1.04 -10.43
C ILE A 28 -17.28 1.06 -11.84
N GLY A 29 -16.48 0.06 -12.21
CA GLY A 29 -15.89 0.05 -13.54
C GLY A 29 -16.95 -0.02 -14.63
N TYR A 30 -17.94 -0.88 -14.44
CA TYR A 30 -19.03 -0.96 -15.41
C TYR A 30 -19.77 0.36 -15.50
N ALA A 31 -20.09 0.95 -14.35
CA ALA A 31 -20.84 2.21 -14.34
C ALA A 31 -20.06 3.32 -15.03
N THR A 32 -18.74 3.32 -14.84
CA THR A 32 -17.89 4.32 -15.47
C THR A 32 -17.79 4.10 -16.97
N ALA A 33 -17.59 2.85 -17.40
CA ALA A 33 -17.58 2.56 -18.83
C ALA A 33 -18.88 3.02 -19.49
N LEU A 34 -20.02 2.69 -18.88
CA LEU A 34 -21.31 3.11 -19.44
C LEU A 34 -21.43 4.63 -19.50
N ALA A 35 -20.99 5.32 -18.44
CA ALA A 35 -21.09 6.78 -18.44
C ALA A 35 -20.24 7.38 -19.55
N PHE A 36 -19.05 6.82 -19.80
CA PHE A 36 -18.24 7.34 -20.89
C PHE A 36 -18.86 7.05 -22.25
N VAL A 37 -19.48 5.88 -22.42
CA VAL A 37 -20.18 5.59 -23.68
C VAL A 37 -21.27 6.62 -23.92
N GLU A 38 -22.06 6.91 -22.88
CA GLU A 38 -23.15 7.89 -22.98
C GLU A 38 -22.64 9.30 -23.20
N ALA A 39 -21.41 9.60 -22.79
CA ALA A 39 -20.77 10.88 -23.05
C ALA A 39 -20.05 10.93 -24.39
N GLY A 40 -20.19 9.89 -25.23
CA GLY A 40 -19.68 9.92 -26.58
C GLY A 40 -18.31 9.31 -26.81
N ALA A 41 -17.70 8.72 -25.79
CA ALA A 41 -16.37 8.16 -25.94
C ALA A 41 -16.40 6.80 -26.63
N ASN A 42 -15.22 6.42 -27.13
CA ASN A 42 -14.97 5.08 -27.64
C ASN A 42 -14.31 4.28 -26.53
N VAL A 43 -15.06 3.36 -25.92
CA VAL A 43 -14.67 2.76 -24.66
C VAL A 43 -14.23 1.33 -24.90
N THR A 44 -13.12 0.95 -24.25
CA THR A 44 -12.72 -0.45 -24.10
C THR A 44 -12.69 -0.78 -22.62
N GLY A 45 -13.39 -1.85 -22.23
CA GLY A 45 -13.42 -2.32 -20.85
C GLY A 45 -12.59 -3.58 -20.70
N PHE A 46 -11.92 -3.69 -19.56
CA PHE A 46 -11.03 -4.80 -19.24
C PHE A 46 -11.52 -5.44 -17.95
N ASP A 47 -11.60 -6.77 -17.92
CA ASP A 47 -11.98 -7.47 -16.69
C ASP A 47 -11.70 -8.95 -16.83
N LEU A 48 -11.68 -9.62 -15.67
CA LEU A 48 -11.48 -11.06 -15.61
C LEU A 48 -12.67 -11.80 -16.16
N ALA A 49 -13.87 -11.26 -15.93
CA ALA A 49 -15.11 -11.86 -16.39
C ALA A 49 -16.04 -10.73 -16.82
N PHE A 50 -16.86 -11.04 -17.80
CA PHE A 50 -17.97 -10.21 -18.29
C PHE A 50 -19.22 -11.07 -18.20
N ASP A 51 -19.71 -11.27 -16.97
CA ASP A 51 -20.84 -12.17 -16.74
C ASP A 51 -22.19 -11.46 -16.77
N GLY A 52 -22.21 -10.14 -16.91
CA GLY A 52 -23.47 -9.42 -17.05
C GLY A 52 -24.13 -9.65 -18.40
N GLU A 53 -25.34 -9.12 -18.53
CA GLU A 53 -26.16 -9.35 -19.72
C GLU A 53 -25.98 -8.29 -20.80
N GLY A 54 -25.26 -7.20 -20.53
CA GLY A 54 -25.14 -6.16 -21.53
C GLY A 54 -23.88 -5.34 -21.40
N TYR A 55 -23.08 -5.30 -22.47
CA TYR A 55 -21.87 -4.48 -22.51
C TYR A 55 -21.86 -3.69 -23.82
N PRO A 56 -22.28 -2.41 -23.80
CA PRO A 56 -22.24 -1.58 -25.01
C PRO A 56 -20.90 -0.93 -25.28
N PHE A 57 -19.84 -1.70 -25.13
CA PHE A 57 -18.49 -1.21 -25.36
C PHE A 57 -17.65 -2.43 -25.66
N ALA A 58 -16.46 -2.20 -26.19
CA ALA A 58 -15.57 -3.31 -26.50
C ALA A 58 -15.06 -3.90 -25.20
N THR A 59 -14.96 -5.23 -25.17
CA THR A 59 -14.51 -5.91 -23.96
C THR A 59 -13.26 -6.73 -24.26
N GLU A 60 -12.38 -6.72 -23.27
CA GLU A 60 -11.15 -7.51 -23.27
C GLU A 60 -11.12 -8.30 -21.97
N MET A 61 -11.17 -9.62 -22.07
CA MET A 61 -11.28 -10.48 -20.90
C MET A 61 -9.89 -11.05 -20.61
N LEU A 62 -9.35 -10.69 -19.45
CA LEU A 62 -8.01 -11.10 -19.06
C LEU A 62 -7.87 -10.85 -17.56
N ASP A 63 -6.79 -11.36 -17.00
CA ASP A 63 -6.43 -11.05 -15.63
C ASP A 63 -5.50 -9.85 -15.67
N VAL A 64 -6.00 -8.69 -15.27
CA VAL A 64 -5.16 -7.49 -15.25
C VAL A 64 -4.04 -7.60 -14.20
N ALA A 65 -4.16 -8.54 -13.26
CA ALA A 65 -3.03 -8.81 -12.36
C ALA A 65 -1.87 -9.51 -13.06
N ASP A 66 -2.05 -10.04 -14.27
CA ASP A 66 -1.05 -10.86 -14.94
C ASP A 66 -0.30 -10.02 -15.95
N ALA A 67 0.98 -9.79 -15.69
CA ALA A 67 1.72 -8.83 -16.49
C ALA A 67 1.84 -9.24 -17.94
N ASP A 68 1.95 -10.55 -18.20
CA ASP A 68 2.08 -11.04 -19.57
C ASP A 68 0.80 -10.82 -20.36
N GLN A 69 -0.36 -11.06 -19.75
CA GLN A 69 -1.61 -10.88 -20.46
C GLN A 69 -1.86 -9.40 -20.75
N VAL A 70 -1.57 -8.54 -19.78
CA VAL A 70 -1.76 -7.11 -19.99
C VAL A 70 -0.81 -6.60 -21.08
N ARG A 71 0.45 -7.04 -21.07
CA ARG A 71 1.37 -6.69 -22.15
C ARG A 71 0.79 -7.06 -23.51
N ASP A 72 0.31 -8.30 -23.64
CA ASP A 72 -0.15 -8.78 -24.92
C ASP A 72 -1.34 -7.97 -25.43
N VAL A 73 -2.32 -7.75 -24.57
CA VAL A 73 -3.54 -7.08 -24.99
C VAL A 73 -3.28 -5.60 -25.23
N CYS A 74 -2.56 -4.95 -24.33
CA CYS A 74 -2.37 -3.52 -24.48
C CYS A 74 -1.50 -3.21 -25.68
N ALA A 75 -0.47 -4.03 -25.95
CA ALA A 75 0.37 -3.75 -27.12
C ALA A 75 -0.46 -3.81 -28.39
N ARG A 76 -1.35 -4.80 -28.49
CA ARG A 76 -2.18 -4.96 -29.67
C ARG A 76 -3.13 -3.77 -29.82
N LEU A 77 -3.76 -3.34 -28.73
CA LEU A 77 -4.69 -2.22 -28.80
C LEU A 77 -3.97 -0.92 -29.12
N LEU A 78 -2.81 -0.69 -28.52
CA LEU A 78 -2.08 0.55 -28.78
C LEU A 78 -1.61 0.65 -30.23
N ASN A 79 -1.42 -0.48 -30.92
CA ASN A 79 -1.09 -0.44 -32.34
C ASN A 79 -2.23 0.08 -33.19
N ASP A 80 -3.46 0.04 -32.67
CA ASP A 80 -4.63 0.43 -33.45
C ASP A 80 -5.15 1.82 -33.12
N ILE A 81 -4.76 2.41 -32.00
CA ILE A 81 -5.33 3.69 -31.60
C ILE A 81 -4.25 4.76 -31.68
N GLU A 82 -4.67 5.98 -31.92
CA GLU A 82 -3.75 7.10 -32.04
C GLU A 82 -3.53 7.84 -30.73
N ARG A 83 -4.52 7.83 -29.84
CA ARG A 83 -4.42 8.45 -28.52
C ARG A 83 -5.14 7.58 -27.52
N LEU A 84 -4.59 7.49 -26.32
CA LEU A 84 -5.34 6.99 -25.17
C LEU A 84 -5.72 8.21 -24.33
N ASP A 85 -6.96 8.68 -24.47
CA ASP A 85 -7.34 9.94 -23.84
C ASP A 85 -7.55 9.83 -22.34
N VAL A 86 -8.15 8.73 -21.87
CA VAL A 86 -8.46 8.53 -20.46
C VAL A 86 -8.20 7.07 -20.12
N LEU A 87 -7.47 6.84 -19.03
CA LEU A 87 -7.33 5.53 -18.41
C LEU A 87 -8.01 5.60 -17.04
N VAL A 88 -8.95 4.69 -16.79
CA VAL A 88 -9.58 4.54 -15.49
C VAL A 88 -9.18 3.19 -14.93
N ASN A 89 -8.49 3.20 -13.81
CA ASN A 89 -8.22 2.00 -13.02
C ASN A 89 -9.37 1.83 -12.05
N ALA A 90 -10.20 0.81 -12.27
CA ALA A 90 -11.32 0.55 -11.36
C ALA A 90 -11.45 -0.92 -11.00
N ALA A 91 -10.40 -1.69 -11.20
CA ALA A 91 -10.40 -3.06 -10.71
C ALA A 91 -10.27 -3.05 -9.20
N GLY A 92 -10.76 -4.10 -8.59
CA GLY A 92 -10.59 -4.20 -7.16
C GLY A 92 -11.45 -5.30 -6.59
N ILE A 93 -10.96 -5.91 -5.52
CA ILE A 93 -11.68 -6.94 -4.79
C ILE A 93 -11.58 -6.62 -3.31
N LEU A 94 -12.63 -6.98 -2.58
CA LEU A 94 -12.75 -6.75 -1.15
C LEU A 94 -12.76 -8.10 -0.47
N ARG A 95 -11.72 -8.38 0.33
CA ARG A 95 -11.61 -9.57 1.16
C ARG A 95 -11.40 -9.08 2.58
N MET A 96 -12.36 -9.30 3.45
CA MET A 96 -12.32 -8.82 4.82
C MET A 96 -11.88 -9.91 5.79
N GLY A 97 -11.41 -9.46 6.94
CA GLY A 97 -11.00 -10.36 8.00
C GLY A 97 -10.12 -9.68 9.01
N ALA A 98 -10.16 -10.18 10.26
CA ALA A 98 -9.14 -9.82 11.22
C ALA A 98 -7.77 -10.12 10.62
N THR A 99 -6.79 -9.28 10.93
CA THR A 99 -5.50 -9.44 10.29
C THR A 99 -4.95 -10.85 10.50
N ASP A 100 -5.07 -11.38 11.72
CA ASP A 100 -4.47 -12.68 12.00
C ASP A 100 -5.36 -13.85 11.59
N GLN A 101 -6.52 -13.59 10.97
N GLN A 101 -6.52 -13.61 10.98
CA GLN A 101 -7.40 -14.63 10.45
CA GLN A 101 -7.33 -14.68 10.44
C GLN A 101 -7.47 -14.64 8.94
C GLN A 101 -7.34 -14.72 8.92
N LEU A 102 -6.93 -13.63 8.27
CA LEU A 102 -7.01 -13.55 6.82
C LEU A 102 -6.20 -14.67 6.20
N SER A 103 -6.78 -15.33 5.20
CA SER A 103 -6.07 -16.41 4.52
C SER A 103 -4.95 -15.89 3.62
N ALA A 104 -3.96 -16.75 3.40
CA ALA A 104 -2.89 -16.46 2.45
C ALA A 104 -3.44 -16.09 1.08
N GLU A 105 -4.46 -16.82 0.65
CA GLU A 105 -5.07 -16.55 -0.66
C GLU A 105 -5.68 -15.16 -0.71
N ASP A 106 -6.45 -14.79 0.32
CA ASP A 106 -7.08 -13.47 0.32
C ASP A 106 -6.04 -12.36 0.37
N TRP A 107 -4.95 -12.56 1.12
CA TRP A 107 -3.89 -11.56 1.15
C TRP A 107 -3.24 -11.41 -0.22
N GLN A 108 -2.82 -12.53 -0.81
CA GLN A 108 -2.11 -12.47 -2.08
C GLN A 108 -2.98 -11.88 -3.18
N GLN A 109 -4.22 -12.36 -3.29
CA GLN A 109 -5.08 -11.90 -4.38
C GLN A 109 -5.49 -10.44 -4.19
N THR A 110 -5.69 -10.00 -2.94
CA THR A 110 -5.95 -8.59 -2.69
C THR A 110 -4.87 -7.71 -3.29
N PHE A 111 -3.60 -8.05 -3.07
CA PHE A 111 -2.52 -7.21 -3.58
C PHE A 111 -2.32 -7.38 -5.07
N ALA A 112 -2.48 -8.62 -5.57
CA ALA A 112 -2.29 -8.88 -6.99
C ALA A 112 -3.27 -8.05 -7.82
N VAL A 113 -4.54 -8.05 -7.42
CA VAL A 113 -5.57 -7.33 -8.16
C VAL A 113 -5.55 -5.84 -7.85
N ASN A 114 -5.55 -5.49 -6.56
CA ASN A 114 -5.81 -4.10 -6.19
C ASN A 114 -4.63 -3.17 -6.43
N VAL A 115 -3.40 -3.68 -6.42
CA VAL A 115 -2.20 -2.90 -6.73
C VAL A 115 -1.57 -3.35 -8.05
N GLY A 116 -1.43 -4.66 -8.21
CA GLY A 116 -0.72 -5.18 -9.37
C GLY A 116 -1.38 -4.86 -10.69
N GLY A 117 -2.72 -4.88 -10.72
CA GLY A 117 -3.42 -4.56 -11.96
C GLY A 117 -3.07 -3.18 -12.46
N ALA A 118 -3.21 -2.17 -11.61
CA ALA A 118 -2.86 -0.82 -12.03
C ALA A 118 -1.38 -0.70 -12.37
N PHE A 119 -0.51 -1.34 -11.58
CA PHE A 119 0.91 -1.34 -11.91
C PHE A 119 1.13 -1.84 -13.33
N ASN A 120 0.51 -2.95 -13.69
CA ASN A 120 0.66 -3.49 -15.04
C ASN A 120 0.15 -2.51 -16.09
N LEU A 121 -1.03 -1.93 -15.86
CA LEU A 121 -1.58 -0.96 -16.80
C LEU A 121 -0.65 0.24 -16.94
N PHE A 122 -0.09 0.73 -15.84
CA PHE A 122 0.85 1.85 -15.95
C PHE A 122 2.08 1.44 -16.73
N GLN A 123 2.60 0.23 -16.50
CA GLN A 123 3.77 -0.19 -17.25
C GLN A 123 3.50 -0.22 -18.74
N GLN A 124 2.28 -0.56 -19.14
CA GLN A 124 1.97 -0.70 -20.56
C GLN A 124 1.48 0.59 -21.21
N THR A 125 1.13 1.62 -20.43
CA THR A 125 0.58 2.83 -21.02
C THR A 125 1.43 4.07 -20.83
N MET A 126 2.44 4.03 -19.95
CA MET A 126 3.14 5.29 -19.69
C MET A 126 3.83 5.81 -20.94
N ALA A 127 4.41 4.92 -21.77
CA ALA A 127 5.09 5.38 -22.98
C ALA A 127 4.10 6.04 -23.93
N GLN A 128 2.87 5.54 -24.00
CA GLN A 128 1.86 6.15 -24.85
C GLN A 128 1.53 7.56 -24.37
N PHE A 129 1.33 7.72 -23.06
CA PHE A 129 1.02 9.03 -22.50
C PHE A 129 2.16 10.01 -22.76
N ARG A 130 3.40 9.56 -22.63
CA ARG A 130 4.54 10.44 -22.90
CA ARG A 130 4.54 10.43 -22.90
C ARG A 130 4.60 10.83 -24.38
N ARG A 131 4.39 9.86 -25.28
N ARG A 131 4.32 9.88 -25.28
CA ARG A 131 4.46 10.15 -26.70
CA ARG A 131 4.49 10.15 -26.71
C ARG A 131 3.42 11.17 -27.11
C ARG A 131 3.36 10.99 -27.31
N GLN A 132 2.16 10.92 -26.73
CA GLN A 132 1.06 11.72 -27.25
C GLN A 132 0.96 13.08 -26.59
N ARG A 133 1.54 13.25 -25.41
CA ARG A 133 1.27 14.40 -24.55
C ARG A 133 -0.18 14.39 -24.08
N GLY A 134 -0.40 14.72 -22.84
CA GLY A 134 -1.74 14.93 -22.36
C GLY A 134 -2.49 13.64 -22.12
N GLY A 135 -3.74 13.81 -21.74
CA GLY A 135 -4.59 12.71 -21.29
C GLY A 135 -4.80 12.77 -19.79
N ALA A 136 -5.63 11.85 -19.33
CA ALA A 136 -6.04 11.85 -17.94
C ALA A 136 -6.10 10.42 -17.45
N ILE A 137 -5.71 10.24 -16.19
CA ILE A 137 -5.78 8.96 -15.51
C ILE A 137 -6.60 9.19 -14.26
N VAL A 138 -7.55 8.32 -14.02
CA VAL A 138 -8.29 8.32 -12.76
C VAL A 138 -8.23 6.92 -12.18
N THR A 139 -7.86 6.83 -10.92
CA THR A 139 -7.75 5.56 -10.22
C THR A 139 -8.70 5.50 -9.04
N VAL A 140 -9.42 4.38 -8.90
CA VAL A 140 -10.37 4.18 -7.82
C VAL A 140 -9.64 3.55 -6.64
N ALA A 141 -9.46 4.32 -5.58
CA ALA A 141 -8.87 3.82 -4.34
C ALA A 141 -10.01 3.42 -3.39
N SER A 142 -10.05 3.96 -2.17
CA SER A 142 -11.05 3.62 -1.16
C SER A 142 -10.85 4.54 0.02
N ASP A 143 -11.93 4.88 0.73
CA ASP A 143 -11.70 5.58 1.98
C ASP A 143 -10.99 4.72 3.01
N ALA A 144 -10.88 3.40 2.79
CA ALA A 144 -10.10 2.55 3.71
C ALA A 144 -8.59 2.80 3.59
N ALA A 145 -8.15 3.46 2.53
CA ALA A 145 -6.78 3.91 2.41
C ALA A 145 -6.50 5.16 3.22
N HIS A 146 -7.53 5.80 3.75
CA HIS A 146 -7.42 7.10 4.43
C HIS A 146 -7.46 6.99 5.95
N THR A 147 -8.09 5.93 6.47
CA THR A 147 -8.25 5.75 7.91
C THR A 147 -8.24 4.25 8.17
N PRO A 148 -7.74 3.81 9.32
CA PRO A 148 -7.79 2.38 9.60
C PRO A 148 -9.21 1.89 9.85
N ARG A 149 -9.55 0.76 9.24
CA ARG A 149 -10.88 0.17 9.35
C ARG A 149 -10.75 -1.28 9.80
N ILE A 150 -11.31 -1.60 10.96
CA ILE A 150 -11.31 -2.98 11.43
C ILE A 150 -11.94 -3.88 10.37
N GLY A 151 -11.32 -5.04 10.16
CA GLY A 151 -11.77 -5.97 9.16
C GLY A 151 -11.25 -5.72 7.78
N MET A 152 -10.60 -4.58 7.54
CA MET A 152 -10.13 -4.22 6.22
C MET A 152 -8.64 -3.92 6.20
N SER A 153 -7.85 -4.56 7.07
CA SER A 153 -6.44 -4.21 7.12
C SER A 153 -5.75 -4.43 5.77
N ALA A 154 -5.97 -5.60 5.14
CA ALA A 154 -5.35 -5.87 3.86
C ALA A 154 -5.94 -5.02 2.74
N TYR A 155 -7.28 -4.92 2.70
CA TYR A 155 -7.92 -4.11 1.68
C TYR A 155 -7.41 -2.67 1.75
N GLY A 156 -7.45 -2.08 2.92
CA GLY A 156 -7.01 -0.70 3.07
C GLY A 156 -5.54 -0.53 2.71
N ALA A 157 -4.71 -1.48 3.10
CA ALA A 157 -3.29 -1.41 2.78
C ALA A 157 -3.06 -1.49 1.26
N SER A 158 -3.79 -2.37 0.59
CA SER A 158 -3.66 -2.47 -0.85
C SER A 158 -4.11 -1.17 -1.54
N LYS A 159 -5.16 -0.55 -1.02
CA LYS A 159 -5.64 0.69 -1.59
C LYS A 159 -4.69 1.85 -1.27
N ALA A 160 -4.01 1.80 -0.12
CA ALA A 160 -2.99 2.80 0.19
C ALA A 160 -1.78 2.66 -0.74
N ALA A 161 -1.40 1.42 -1.08
CA ALA A 161 -0.32 1.24 -2.03
C ALA A 161 -0.74 1.73 -3.40
N LEU A 162 -1.97 1.41 -3.81
CA LEU A 162 -2.47 1.86 -5.09
C LEU A 162 -2.42 3.38 -5.20
N LYS A 163 -2.93 4.07 -4.17
CA LYS A 163 -2.91 5.52 -4.18
C LYS A 163 -1.49 6.06 -4.29
N SER A 164 -0.57 5.55 -3.47
CA SER A 164 0.81 6.00 -3.54
C SER A 164 1.37 5.80 -4.93
N LEU A 165 1.20 4.60 -5.48
CA LEU A 165 1.67 4.31 -6.82
C LEU A 165 1.11 5.30 -7.85
N ALA A 166 -0.21 5.53 -7.81
CA ALA A 166 -0.83 6.41 -8.79
C ALA A 166 -0.30 7.83 -8.68
N LEU A 167 -0.01 8.30 -7.45
CA LEU A 167 0.52 9.65 -7.28
C LEU A 167 1.94 9.76 -7.81
N THR A 168 2.77 8.74 -7.60
CA THR A 168 4.12 8.82 -8.15
C THR A 168 4.10 8.73 -9.67
N VAL A 169 3.25 7.86 -10.23
CA VAL A 169 3.05 7.85 -11.68
C VAL A 169 2.60 9.22 -12.16
N GLY A 170 1.72 9.87 -11.41
CA GLY A 170 1.28 11.20 -11.81
C GLY A 170 2.41 12.19 -11.85
N LEU A 171 3.35 12.07 -10.91
CA LEU A 171 4.52 12.93 -10.95
C LEU A 171 5.42 12.58 -12.13
N GLU A 172 5.60 11.27 -12.41
CA GLU A 172 6.40 10.83 -13.55
C GLU A 172 5.83 11.32 -14.87
N LEU A 173 4.51 11.54 -14.96
CA LEU A 173 3.86 11.92 -16.21
C LEU A 173 3.50 13.39 -16.25
N ALA A 174 3.75 14.14 -15.19
CA ALA A 174 3.35 15.54 -15.16
C ALA A 174 4.04 16.36 -16.26
N GLY A 175 5.31 16.07 -16.54
CA GLY A 175 6.02 16.79 -17.58
C GLY A 175 5.44 16.55 -18.97
N SER A 176 4.66 15.48 -19.11
CA SER A 176 3.97 15.17 -20.36
C SER A 176 2.57 15.74 -20.41
N GLY A 177 2.17 16.53 -19.42
CA GLY A 177 0.86 17.14 -19.44
C GLY A 177 -0.28 16.23 -19.01
N VAL A 178 0.01 15.06 -18.44
CA VAL A 178 -1.02 14.12 -18.06
C VAL A 178 -1.53 14.45 -16.65
N ARG A 179 -2.85 14.48 -16.49
CA ARG A 179 -3.46 14.68 -15.18
C ARG A 179 -3.78 13.33 -14.57
N CYS A 180 -3.48 13.18 -13.29
CA CYS A 180 -3.57 11.89 -12.63
C CYS A 180 -4.18 12.07 -11.25
N ASN A 181 -5.40 11.57 -11.07
CA ASN A 181 -6.18 11.80 -9.86
C ASN A 181 -6.84 10.51 -9.40
N LEU A 182 -7.44 10.56 -8.21
CA LEU A 182 -8.10 9.41 -7.60
C LEU A 182 -9.47 9.77 -7.06
N VAL A 183 -10.30 8.76 -6.96
CA VAL A 183 -11.56 8.82 -6.23
CA VAL A 183 -11.56 8.81 -6.24
C VAL A 183 -11.52 7.71 -5.19
N SER A 184 -11.99 8.03 -3.99
CA SER A 184 -11.97 7.07 -2.88
C SER A 184 -13.37 6.83 -2.37
N PRO A 185 -14.06 5.80 -2.87
CA PRO A 185 -15.42 5.51 -2.41
C PRO A 185 -15.44 4.92 -1.02
N GLY A 186 -16.61 4.98 -0.41
CA GLY A 186 -16.88 4.25 0.81
C GLY A 186 -17.08 2.76 0.63
N GLY A 217 -24.65 13.07 12.29
CA GLY A 217 -25.17 12.77 10.97
C GLY A 217 -24.11 12.55 9.91
N ILE A 218 -23.01 11.91 10.29
CA ILE A 218 -22.02 11.39 9.36
C ILE A 218 -22.05 9.88 9.44
N PRO A 219 -22.08 9.15 8.31
CA PRO A 219 -22.12 9.63 6.92
C PRO A 219 -23.38 10.43 6.58
N LEU A 220 -23.15 11.47 5.78
CA LEU A 220 -24.21 12.31 5.24
C LEU A 220 -24.78 11.65 3.99
N GLY A 221 -26.04 11.20 4.06
CA GLY A 221 -26.71 10.62 2.92
C GLY A 221 -26.49 9.12 2.80
N LYS A 222 -27.13 8.57 1.77
CA LYS A 222 -27.05 7.14 1.48
C LYS A 222 -25.69 6.82 0.86
N ILE A 223 -25.27 5.56 1.01
CA ILE A 223 -24.01 5.13 0.41
C ILE A 223 -24.03 5.45 -1.09
N ALA A 224 -22.89 5.94 -1.59
CA ALA A 224 -22.81 6.34 -2.99
C ALA A 224 -22.90 5.11 -3.89
N ARG A 225 -23.80 5.15 -4.85
CA ARG A 225 -23.93 4.07 -5.82
C ARG A 225 -22.87 4.22 -6.90
N PRO A 226 -22.56 3.13 -7.61
CA PRO A 226 -21.57 3.21 -8.68
C PRO A 226 -21.80 4.33 -9.66
N GLN A 227 -23.05 4.56 -10.05
CA GLN A 227 -23.34 5.61 -11.03
C GLN A 227 -22.88 6.96 -10.53
N GLU A 228 -22.94 7.18 -9.22
CA GLU A 228 -22.54 8.46 -8.67
C GLU A 228 -21.02 8.58 -8.57
N ILE A 229 -20.33 7.49 -8.24
CA ILE A 229 -18.87 7.49 -8.30
C ILE A 229 -18.40 7.79 -9.71
N ALA A 230 -19.05 7.19 -10.68
CA ALA A 230 -18.68 7.41 -12.08
C ALA A 230 -18.76 8.89 -12.44
N ASN A 231 -19.77 9.60 -11.91
CA ASN A 231 -19.87 11.03 -12.18
C ASN A 231 -18.59 11.77 -11.77
N THR A 232 -18.08 11.44 -10.59
CA THR A 232 -16.87 12.07 -10.10
C THR A 232 -15.66 11.69 -10.94
N ILE A 233 -15.59 10.43 -11.39
CA ILE A 233 -14.51 10.02 -12.29
C ILE A 233 -14.56 10.85 -13.59
N LEU A 234 -15.75 11.02 -14.18
CA LEU A 234 -15.85 11.78 -15.42
C LEU A 234 -15.46 13.24 -15.21
N PHE A 235 -15.83 13.82 -14.06
CA PHE A 235 -15.40 15.17 -13.75
C PHE A 235 -13.86 15.26 -13.75
N LEU A 236 -13.20 14.34 -13.05
CA LEU A 236 -11.75 14.40 -12.98
C LEU A 236 -11.08 14.10 -14.31
N ALA A 237 -11.72 13.33 -15.19
CA ALA A 237 -11.17 13.06 -16.51
C ALA A 237 -11.44 14.19 -17.49
N SER A 238 -12.27 15.17 -17.12
CA SER A 238 -12.78 16.16 -18.06
C SER A 238 -11.90 17.42 -18.11
N SER A 239 -12.18 18.26 -19.12
CA SER A 239 -11.48 19.53 -19.23
C SER A 239 -11.84 20.50 -18.12
N HIS A 240 -12.96 20.28 -17.42
CA HIS A 240 -13.28 21.10 -16.26
C HIS A 240 -12.33 20.88 -15.10
N ALA A 241 -11.47 19.85 -15.16
CA ALA A 241 -10.49 19.55 -14.13
C ALA A 241 -9.05 19.74 -14.62
N SER A 242 -8.83 20.61 -15.62
CA SER A 242 -7.56 20.62 -16.33
C SER A 242 -6.37 21.08 -15.47
N HIS A 243 -6.60 21.75 -14.33
CA HIS A 243 -5.50 22.12 -13.43
C HIS A 243 -5.53 21.33 -12.13
N ILE A 244 -6.23 20.20 -12.12
CA ILE A 244 -6.29 19.31 -10.97
C ILE A 244 -5.46 18.08 -11.29
N THR A 245 -4.41 17.85 -10.51
CA THR A 245 -3.69 16.59 -10.59
C THR A 245 -3.16 16.26 -9.21
N LEU A 246 -2.93 14.96 -8.98
CA LEU A 246 -2.46 14.37 -7.74
C LEU A 246 -3.46 14.55 -6.60
N GLN A 247 -4.75 14.71 -6.93
CA GLN A 247 -5.81 14.84 -5.94
C GLN A 247 -6.61 13.56 -5.80
N ASP A 248 -7.27 13.43 -4.67
CA ASP A 248 -8.02 12.23 -4.30
C ASP A 248 -9.32 12.71 -3.66
N ILE A 249 -10.44 12.55 -4.35
CA ILE A 249 -11.73 12.97 -3.82
C ILE A 249 -12.37 11.80 -3.10
N VAL A 250 -12.61 11.95 -1.81
CA VAL A 250 -13.26 10.91 -1.01
C VAL A 250 -14.76 11.12 -1.13
N VAL A 251 -15.45 10.08 -1.60
CA VAL A 251 -16.88 10.11 -1.85
C VAL A 251 -17.53 9.09 -0.93
N ASP A 252 -17.71 9.46 0.32
CA ASP A 252 -18.25 8.52 1.31
C ASP A 252 -19.12 9.24 2.33
N GLY A 253 -19.72 10.37 1.92
CA GLY A 253 -20.59 11.05 2.86
C GLY A 253 -19.89 11.66 4.05
N GLY A 254 -18.59 11.91 3.94
CA GLY A 254 -17.87 12.55 5.02
C GLY A 254 -17.34 11.63 6.10
N SER A 255 -17.42 10.30 5.90
CA SER A 255 -17.08 9.35 6.96
C SER A 255 -15.66 9.51 7.50
N THR A 256 -14.70 9.96 6.68
CA THR A 256 -13.33 10.13 7.17
C THR A 256 -13.11 11.48 7.82
N LEU A 257 -14.14 12.32 7.86
CA LEU A 257 -14.07 13.62 8.50
C LEU A 257 -12.95 14.46 7.91
N GLY A 258 -12.75 14.34 6.60
CA GLY A 258 -11.73 15.10 5.91
C GLY A 258 -10.39 14.43 5.77
N ALA A 259 -10.18 13.26 6.37
CA ALA A 259 -8.91 12.57 6.25
C ALA A 259 -8.85 11.82 4.93
N LEU B 12 15.67 5.73 29.02
CA LEU B 12 14.94 4.64 28.40
C LEU B 12 15.37 3.30 28.99
N ASP B 13 14.48 2.68 29.77
CA ASP B 13 14.80 1.47 30.50
C ASP B 13 13.89 0.34 30.05
N PHE B 14 14.49 -0.75 29.57
CA PHE B 14 13.74 -1.91 29.11
C PHE B 14 14.20 -3.17 29.83
N HIS B 15 14.66 -3.03 31.08
CA HIS B 15 15.23 -4.17 31.80
C HIS B 15 14.25 -5.33 31.86
N GLY B 16 14.74 -6.51 31.49
CA GLY B 16 13.96 -7.73 31.58
C GLY B 16 12.94 -7.94 30.49
N GLN B 17 12.67 -6.93 29.66
CA GLN B 17 11.64 -7.04 28.64
C GLN B 17 12.12 -7.87 27.45
N THR B 18 11.19 -8.63 26.87
CA THR B 18 11.48 -9.45 25.70
C THR B 18 11.18 -8.60 24.45
N VAL B 19 12.19 -8.43 23.61
CA VAL B 19 12.12 -7.55 22.45
C VAL B 19 12.54 -8.35 21.22
N TRP B 20 11.71 -8.30 20.17
CA TRP B 20 12.00 -8.90 18.87
C TRP B 20 12.22 -7.79 17.85
N VAL B 21 13.29 -7.91 17.06
CA VAL B 21 13.63 -6.95 16.00
C VAL B 21 13.90 -7.70 14.71
N THR B 22 13.09 -7.45 13.68
CA THR B 22 13.37 -7.97 12.36
C THR B 22 14.27 -7.00 11.58
N GLY B 23 14.99 -7.55 10.61
CA GLY B 23 16.04 -6.80 9.94
C GLY B 23 17.26 -6.53 10.80
N ALA B 24 17.53 -7.38 11.79
CA ALA B 24 18.52 -7.08 12.81
C ALA B 24 19.98 -7.35 12.39
N GLY B 25 20.23 -7.79 11.17
CA GLY B 25 21.58 -8.09 10.77
C GLY B 25 22.44 -6.87 10.51
N LYS B 26 21.82 -5.75 10.14
CA LYS B 26 22.55 -4.52 9.84
C LYS B 26 21.56 -3.36 9.86
N GLY B 27 22.08 -2.16 9.64
CA GLY B 27 21.20 -1.03 9.44
C GLY B 27 20.39 -0.67 10.66
N ILE B 28 19.15 -0.22 10.39
CA ILE B 28 18.28 0.24 11.45
C ILE B 28 17.99 -0.88 12.45
N GLY B 29 17.69 -2.08 11.95
CA GLY B 29 17.35 -3.17 12.85
C GLY B 29 18.50 -3.51 13.78
N TYR B 30 19.73 -3.51 13.26
CA TYR B 30 20.89 -3.81 14.10
C TYR B 30 21.09 -2.73 15.16
N ALA B 31 21.03 -1.47 14.75
CA ALA B 31 21.18 -0.37 15.72
C ALA B 31 20.10 -0.46 16.78
N THR B 32 18.89 -0.81 16.40
CA THR B 32 17.78 -0.89 17.33
C THR B 32 17.99 -2.03 18.32
N ALA B 33 18.36 -3.20 17.79
CA ALA B 33 18.65 -4.35 18.65
C ALA B 33 19.73 -4.01 19.67
N LEU B 34 20.84 -3.40 19.22
CA LEU B 34 21.91 -3.01 20.15
C LEU B 34 21.39 -2.05 21.21
N ALA B 35 20.58 -1.08 20.80
CA ALA B 35 20.06 -0.09 21.74
C ALA B 35 19.19 -0.75 22.80
N PHE B 36 18.36 -1.71 22.40
CA PHE B 36 17.54 -2.42 23.39
C PHE B 36 18.42 -3.28 24.31
N VAL B 37 19.47 -3.92 23.78
CA VAL B 37 20.38 -4.66 24.66
C VAL B 37 20.97 -3.72 25.70
N GLU B 38 21.43 -2.54 25.28
CA GLU B 38 22.07 -1.61 26.20
C GLU B 38 21.09 -1.09 27.25
N ALA B 39 19.80 -1.00 26.91
CA ALA B 39 18.73 -0.62 27.83
C ALA B 39 18.23 -1.79 28.67
N GLY B 40 18.90 -2.93 28.62
CA GLY B 40 18.62 -4.03 29.50
C GLY B 40 17.64 -5.07 29.02
N ALA B 41 17.22 -5.02 27.76
CA ALA B 41 16.23 -5.98 27.28
C ALA B 41 16.86 -7.31 26.89
N ASN B 42 15.99 -8.32 26.77
CA ASN B 42 16.35 -9.64 26.25
C ASN B 42 15.93 -9.65 24.79
N VAL B 43 16.91 -9.49 23.89
CA VAL B 43 16.63 -9.19 22.49
C VAL B 43 16.84 -10.42 21.64
N THR B 44 15.93 -10.65 20.70
CA THR B 44 16.08 -11.61 19.62
C THR B 44 15.99 -10.84 18.30
N GLY B 45 16.99 -11.01 17.45
CA GLY B 45 17.01 -10.42 16.14
C GLY B 45 16.76 -11.47 15.07
N PHE B 46 16.09 -11.05 14.01
CA PHE B 46 15.69 -11.92 12.91
C PHE B 46 16.16 -11.31 11.61
N ASP B 47 16.69 -12.13 10.73
CA ASP B 47 17.17 -11.64 9.43
C ASP B 47 17.49 -12.82 8.53
N LEU B 48 17.58 -12.51 7.23
CA LEU B 48 18.03 -13.46 6.21
C LEU B 48 19.51 -13.78 6.34
N ALA B 49 20.29 -12.86 6.88
CA ALA B 49 21.73 -12.97 6.90
C ALA B 49 22.26 -12.24 8.11
N PHE B 50 23.21 -12.85 8.81
CA PHE B 50 23.94 -12.23 9.92
C PHE B 50 25.42 -12.26 9.54
N ASP B 51 25.84 -11.30 8.71
CA ASP B 51 27.18 -11.29 8.14
C ASP B 51 28.14 -10.35 8.86
N GLY B 52 27.70 -9.61 9.87
CA GLY B 52 28.60 -8.79 10.64
C GLY B 52 29.38 -9.61 11.65
N GLU B 53 30.40 -8.96 12.22
CA GLU B 53 31.32 -9.65 13.13
C GLU B 53 30.86 -9.65 14.59
N GLY B 54 29.67 -9.14 14.89
CA GLY B 54 29.26 -9.10 16.28
C GLY B 54 27.78 -8.95 16.55
N TYR B 55 27.19 -9.96 17.19
CA TYR B 55 25.77 -9.93 17.56
C TYR B 55 25.63 -10.26 19.04
N PRO B 56 25.52 -9.21 19.91
CA PRO B 56 25.28 -9.42 21.35
C PRO B 56 23.82 -9.67 21.73
N PHE B 57 23.07 -10.33 20.86
CA PHE B 57 21.69 -10.69 21.13
C PHE B 57 21.48 -12.03 20.44
N ALA B 58 20.39 -12.71 20.79
CA ALA B 58 20.08 -13.97 20.13
C ALA B 58 19.73 -13.68 18.68
N THR B 59 20.20 -14.53 17.77
CA THR B 59 19.92 -14.37 16.35
C THR B 59 19.14 -15.56 15.83
N GLU B 60 18.20 -15.28 14.94
CA GLU B 60 17.37 -16.28 14.27
C GLU B 60 17.35 -15.98 12.78
N MET B 61 17.75 -16.95 11.96
CA MET B 61 17.56 -16.85 10.52
C MET B 61 16.08 -16.91 10.19
N LEU B 62 15.60 -15.90 9.45
CA LEU B 62 14.18 -15.84 9.15
C LEU B 62 13.99 -14.94 7.93
N ASP B 63 13.29 -15.46 6.94
CA ASP B 63 12.77 -14.69 5.81
C ASP B 63 11.38 -14.23 6.21
N VAL B 64 11.23 -12.95 6.55
CA VAL B 64 9.92 -12.49 7.01
C VAL B 64 8.87 -12.63 5.92
N ALA B 65 9.26 -12.72 4.65
CA ALA B 65 8.29 -12.85 3.56
C ALA B 65 7.66 -14.24 3.51
N ASP B 66 8.26 -15.22 4.14
CA ASP B 66 7.79 -16.59 4.04
C ASP B 66 6.90 -16.96 5.21
N ALA B 67 5.61 -17.13 4.92
CA ALA B 67 4.63 -17.36 5.97
C ALA B 67 4.96 -18.61 6.78
N ASP B 68 5.35 -19.70 6.10
CA ASP B 68 5.59 -20.96 6.82
C ASP B 68 6.78 -20.85 7.77
N GLN B 69 7.89 -20.21 7.35
CA GLN B 69 9.02 -20.11 8.27
C GLN B 69 8.70 -19.16 9.43
N VAL B 70 7.99 -18.08 9.15
CA VAL B 70 7.59 -17.18 10.23
C VAL B 70 6.69 -17.90 11.23
N ARG B 71 5.75 -18.72 10.74
CA ARG B 71 4.93 -19.50 11.67
C ARG B 71 5.78 -20.43 12.54
N ASP B 72 6.69 -21.18 11.92
CA ASP B 72 7.47 -22.16 12.66
C ASP B 72 8.34 -21.51 13.72
N VAL B 73 9.08 -20.46 13.34
CA VAL B 73 10.00 -19.78 14.25
C VAL B 73 9.23 -19.10 15.38
N CYS B 74 8.20 -18.33 15.02
CA CYS B 74 7.47 -17.59 16.04
C CYS B 74 6.76 -18.53 17.01
N ALA B 75 6.14 -19.58 16.50
CA ALA B 75 5.45 -20.52 17.39
C ALA B 75 6.42 -21.11 18.38
N ARG B 76 7.62 -21.49 17.92
CA ARG B 76 8.60 -22.09 18.80
C ARG B 76 8.99 -21.13 19.90
N LEU B 77 9.28 -19.88 19.54
CA LEU B 77 9.76 -18.91 20.51
C LEU B 77 8.66 -18.50 21.49
N LEU B 78 7.43 -18.34 21.00
CA LEU B 78 6.34 -17.91 21.88
C LEU B 78 6.01 -18.97 22.92
N ASN B 79 6.33 -20.25 22.66
CA ASN B 79 6.12 -21.29 23.65
C ASN B 79 6.92 -21.04 24.92
N ASP B 80 8.02 -20.30 24.81
CA ASP B 80 8.99 -20.18 25.88
C ASP B 80 8.94 -18.84 26.62
N ILE B 81 8.25 -17.83 26.10
CA ILE B 81 8.35 -16.49 26.70
C ILE B 81 7.04 -16.19 27.42
N GLU B 82 7.12 -15.31 28.41
CA GLU B 82 5.96 -14.90 29.18
C GLU B 82 5.24 -13.76 28.46
N ARG B 83 6.00 -12.77 28.00
CA ARG B 83 5.47 -11.65 27.25
C ARG B 83 6.37 -11.37 26.06
N LEU B 84 5.74 -10.92 24.96
CA LEU B 84 6.46 -10.23 23.90
C LEU B 84 6.25 -8.74 24.16
N ASP B 85 7.23 -8.11 24.80
CA ASP B 85 7.02 -6.73 25.26
C ASP B 85 7.12 -5.72 24.14
N VAL B 86 8.01 -5.94 23.17
CA VAL B 86 8.18 -5.03 22.05
C VAL B 86 8.44 -5.84 20.77
N LEU B 87 7.74 -5.51 19.70
CA LEU B 87 8.03 -6.02 18.37
C LEU B 87 8.44 -4.84 17.49
N VAL B 88 9.60 -4.93 16.86
CA VAL B 88 10.08 -3.93 15.92
C VAL B 88 10.16 -4.58 14.54
N ASN B 89 9.39 -4.06 13.60
CA ASN B 89 9.45 -4.49 12.21
C ASN B 89 10.43 -3.57 11.49
N ALA B 90 11.64 -4.04 11.20
CA ALA B 90 12.60 -3.20 10.49
C ALA B 90 13.19 -3.90 9.27
N ALA B 91 12.65 -5.07 8.91
CA ALA B 91 13.05 -5.72 7.66
C ALA B 91 12.51 -4.92 6.47
N GLY B 92 13.28 -4.89 5.39
CA GLY B 92 12.86 -4.14 4.22
C GLY B 92 13.91 -4.20 3.13
N ILE B 93 13.44 -3.96 1.90
CA ILE B 93 14.32 -3.88 0.74
C ILE B 93 13.92 -2.67 -0.09
N LEU B 94 14.92 -2.11 -0.76
CA LEU B 94 14.76 -0.95 -1.63
C LEU B 94 15.14 -1.34 -3.05
N ARG B 95 14.16 -1.27 -3.96
CA ARG B 95 14.38 -1.56 -5.37
C ARG B 95 13.84 -0.37 -6.14
N MET B 96 14.73 0.38 -6.78
CA MET B 96 14.34 1.62 -7.43
C MET B 96 14.17 1.41 -8.92
N GLY B 97 13.47 2.35 -9.52
CA GLY B 97 13.30 2.36 -10.97
C GLY B 97 12.10 3.20 -11.38
N ALA B 98 12.15 3.72 -12.61
CA ALA B 98 10.95 4.26 -13.22
C ALA B 98 9.85 3.22 -13.21
N THR B 99 8.60 3.67 -13.01
CA THR B 99 7.51 2.71 -12.87
C THR B 99 7.44 1.76 -14.05
N ASP B 100 7.63 2.26 -15.28
CA ASP B 100 7.50 1.39 -16.45
C ASP B 100 8.76 0.61 -16.78
N GLN B 101 9.82 0.75 -15.98
N GLN B 101 9.83 0.76 -15.99
CA GLN B 101 11.03 -0.03 -16.18
CA GLN B 101 11.06 0.02 -16.15
C GLN B 101 11.25 -1.06 -15.08
C GLN B 101 11.29 -1.02 -15.06
N LEU B 102 10.53 -0.97 -13.97
CA LEU B 102 10.76 -1.89 -12.86
C LEU B 102 10.48 -3.33 -13.28
N SER B 103 11.36 -4.25 -12.88
CA SER B 103 11.17 -5.64 -13.21
C SER B 103 10.05 -6.27 -12.40
N ALA B 104 9.47 -7.32 -12.95
CA ALA B 104 8.43 -8.05 -12.23
C ALA B 104 8.96 -8.61 -10.92
N GLU B 105 10.19 -9.10 -10.93
CA GLU B 105 10.80 -9.63 -9.71
C GLU B 105 10.96 -8.55 -8.65
N ASP B 106 11.43 -7.37 -9.05
CA ASP B 106 11.57 -6.28 -8.07
C ASP B 106 10.22 -5.86 -7.51
N TRP B 107 9.19 -5.79 -8.37
CA TRP B 107 7.86 -5.49 -7.86
C TRP B 107 7.41 -6.54 -6.84
N GLN B 108 7.48 -7.81 -7.21
CA GLN B 108 6.98 -8.87 -6.35
C GLN B 108 7.73 -8.91 -5.03
N GLN B 109 9.07 -8.84 -5.09
CA GLN B 109 9.85 -8.95 -3.87
C GLN B 109 9.69 -7.72 -2.98
N THR B 110 9.54 -6.54 -3.57
CA THR B 110 9.27 -5.34 -2.79
C THR B 110 8.04 -5.54 -1.94
N PHE B 111 6.96 -6.04 -2.53
CA PHE B 111 5.73 -6.17 -1.74
C PHE B 111 5.81 -7.37 -0.80
N ALA B 112 6.37 -8.49 -1.22
CA ALA B 112 6.48 -9.66 -0.34
C ALA B 112 7.23 -9.33 0.94
N VAL B 113 8.32 -8.58 0.84
CA VAL B 113 9.15 -8.27 2.02
C VAL B 113 8.56 -7.09 2.78
N ASN B 114 8.32 -5.98 2.09
CA ASN B 114 8.01 -4.74 2.78
C ASN B 114 6.60 -4.70 3.36
N VAL B 115 5.66 -5.45 2.80
CA VAL B 115 4.30 -5.56 3.35
C VAL B 115 4.05 -6.95 3.91
N GLY B 116 4.35 -7.97 3.13
CA GLY B 116 4.09 -9.32 3.57
C GLY B 116 4.87 -9.72 4.81
N GLY B 117 6.06 -9.17 4.99
CA GLY B 117 6.85 -9.48 6.17
C GLY B 117 6.14 -9.13 7.47
N ALA B 118 5.78 -7.84 7.60
CA ALA B 118 5.04 -7.43 8.78
C ALA B 118 3.70 -8.15 8.90
N PHE B 119 3.01 -8.38 7.76
CA PHE B 119 1.77 -9.16 7.79
C PHE B 119 1.99 -10.51 8.46
N ASN B 120 3.06 -11.20 8.08
CA ASN B 120 3.32 -12.53 8.65
C ASN B 120 3.63 -12.43 10.13
N LEU B 121 4.46 -11.45 10.53
CA LEU B 121 4.74 -11.24 11.93
C LEU B 121 3.46 -10.94 12.69
N PHE B 122 2.60 -10.08 12.14
CA PHE B 122 1.36 -9.77 12.84
C PHE B 122 0.48 -11.02 12.97
N GLN B 123 0.39 -11.83 11.90
CA GLN B 123 -0.42 -13.03 11.98
C GLN B 123 0.06 -13.96 13.08
N GLN B 124 1.36 -14.00 13.33
CA GLN B 124 1.89 -14.91 14.33
C GLN B 124 2.03 -14.31 15.73
N THR B 125 1.88 -13.00 15.91
CA THR B 125 2.04 -12.39 17.22
C THR B 125 0.79 -11.75 17.79
N MET B 126 -0.25 -11.53 17.00
CA MET B 126 -1.39 -10.80 17.55
C MET B 126 -2.04 -11.56 18.71
N ALA B 127 -2.15 -12.89 18.60
CA ALA B 127 -2.78 -13.64 19.70
C ALA B 127 -1.95 -13.52 20.98
N GLN B 128 -0.63 -13.44 20.88
CA GLN B 128 0.20 -13.21 22.07
C GLN B 128 -0.08 -11.85 22.69
N PHE B 129 -0.14 -10.81 21.85
CA PHE B 129 -0.44 -9.48 22.37
C PHE B 129 -1.81 -9.45 23.04
N ARG B 130 -2.80 -10.11 22.45
CA ARG B 130 -4.12 -10.10 23.06
C ARG B 130 -4.15 -10.82 24.40
N ARG B 131 -3.46 -11.96 24.49
CA ARG B 131 -3.54 -12.73 25.72
C ARG B 131 -2.75 -12.10 26.85
N GLN B 132 -1.63 -11.43 26.55
CA GLN B 132 -0.81 -10.85 27.61
C GLN B 132 -1.29 -9.47 28.03
N ARG B 133 -2.01 -8.78 27.15
CA ARG B 133 -2.33 -7.36 27.27
C ARG B 133 -1.07 -6.50 27.23
N GLY B 134 -1.17 -5.38 26.58
CA GLY B 134 -0.09 -4.41 26.61
C GLY B 134 1.05 -4.81 25.72
N GLY B 135 2.09 -3.99 25.76
CA GLY B 135 3.23 -4.12 24.87
C GLY B 135 3.21 -3.02 23.80
N ALA B 136 4.26 -3.03 23.00
CA ALA B 136 4.44 -2.00 21.97
C ALA B 136 4.92 -2.63 20.68
N ILE B 137 4.47 -2.06 19.57
CA ILE B 137 4.89 -2.43 18.23
C ILE B 137 5.39 -1.16 17.58
N VAL B 138 6.56 -1.21 16.98
CA VAL B 138 7.07 -0.12 16.18
C VAL B 138 7.46 -0.67 14.82
N THR B 139 6.95 -0.04 13.76
CA THR B 139 7.21 -0.46 12.39
C THR B 139 7.97 0.62 11.64
N VAL B 140 8.99 0.22 10.90
CA VAL B 140 9.80 1.17 10.13
C VAL B 140 9.17 1.28 8.75
N ALA B 141 8.60 2.44 8.46
CA ALA B 141 8.08 2.74 7.12
C ALA B 141 9.14 3.48 6.32
N SER B 142 8.81 4.66 5.80
CA SER B 142 9.75 5.45 5.00
C SER B 142 9.09 6.78 4.68
N ASP B 143 9.88 7.85 4.54
CA ASP B 143 9.27 9.08 4.08
C ASP B 143 8.78 8.98 2.64
N ALA B 144 9.18 7.95 1.89
CA ALA B 144 8.62 7.72 0.56
C ALA B 144 7.16 7.28 0.60
N ALA B 145 6.66 6.87 1.76
CA ALA B 145 5.24 6.59 1.92
C ALA B 145 4.43 7.87 2.10
N HIS B 146 5.10 9.01 2.28
CA HIS B 146 4.42 10.26 2.63
C HIS B 146 4.29 11.23 1.48
N THR B 147 5.12 11.09 0.46
CA THR B 147 5.15 12.01 -0.68
C THR B 147 5.61 11.20 -1.86
N PRO B 148 5.17 11.52 -3.07
CA PRO B 148 5.64 10.76 -4.24
C PRO B 148 7.10 11.05 -4.57
N ARG B 149 7.85 9.99 -4.78
CA ARG B 149 9.29 10.09 -5.03
C ARG B 149 9.63 9.39 -6.34
N ILE B 150 10.03 10.18 -7.34
CA ILE B 150 10.45 9.63 -8.62
C ILE B 150 11.54 8.60 -8.40
N GLY B 151 11.39 7.45 -9.04
CA GLY B 151 12.35 6.38 -8.88
C GLY B 151 12.01 5.41 -7.78
N MET B 152 11.03 5.74 -6.93
CA MET B 152 10.64 4.88 -5.82
C MET B 152 9.15 4.61 -5.81
N SER B 153 8.50 4.57 -6.98
CA SER B 153 7.05 4.38 -6.95
C SER B 153 6.66 3.10 -6.22
N ALA B 154 7.33 1.97 -6.51
CA ALA B 154 6.96 0.72 -5.87
C ALA B 154 7.41 0.68 -4.42
N TYR B 155 8.62 1.17 -4.12
CA TYR B 155 9.09 1.21 -2.74
C TYR B 155 8.15 2.03 -1.88
N GLY B 156 7.84 3.25 -2.32
CA GLY B 156 6.94 4.10 -1.57
C GLY B 156 5.57 3.48 -1.40
N ALA B 157 5.06 2.84 -2.45
CA ALA B 157 3.75 2.22 -2.37
C ALA B 157 3.73 1.06 -1.39
N SER B 158 4.82 0.29 -1.36
CA SER B 158 4.90 -0.82 -0.42
C SER B 158 4.97 -0.30 1.01
N LYS B 159 5.67 0.82 1.22
CA LYS B 159 5.76 1.38 2.55
C LYS B 159 4.47 2.06 2.96
N ALA B 160 3.70 2.58 1.99
CA ALA B 160 2.38 3.11 2.30
C ALA B 160 1.43 1.99 2.71
N ALA B 161 1.50 0.84 2.03
CA ALA B 161 0.70 -0.31 2.44
C ALA B 161 1.11 -0.78 3.82
N LEU B 162 2.42 -0.84 4.07
CA LEU B 162 2.91 -1.24 5.40
C LEU B 162 2.37 -0.33 6.48
N LYS B 163 2.43 0.98 6.26
CA LYS B 163 1.91 1.91 7.26
C LYS B 163 0.42 1.69 7.51
N SER B 164 -0.38 1.58 6.43
CA SER B 164 -1.81 1.35 6.58
C SER B 164 -2.08 0.06 7.34
N LEU B 165 -1.36 -1.01 6.99
CA LEU B 165 -1.51 -2.28 7.70
C LEU B 165 -1.20 -2.12 9.19
N ALA B 166 -0.07 -1.51 9.50
CA ALA B 166 0.33 -1.34 10.89
C ALA B 166 -0.68 -0.51 11.66
N LEU B 167 -1.27 0.52 11.04
CA LEU B 167 -2.26 1.31 11.75
C LEU B 167 -3.52 0.51 12.03
N THR B 168 -3.98 -0.29 11.07
CA THR B 168 -5.18 -1.08 11.33
C THR B 168 -4.93 -2.14 12.39
N VAL B 169 -3.74 -2.75 12.35
CA VAL B 169 -3.37 -3.67 13.43
C VAL B 169 -3.38 -2.94 14.77
N GLY B 170 -2.88 -1.71 14.78
CA GLY B 170 -2.92 -0.91 15.99
C GLY B 170 -4.34 -0.70 16.50
N LEU B 171 -5.29 -0.48 15.60
CA LEU B 171 -6.69 -0.37 16.02
C LEU B 171 -7.22 -1.69 16.54
N GLU B 172 -6.87 -2.80 15.86
CA GLU B 172 -7.30 -4.12 16.28
C GLU B 172 -6.77 -4.51 17.66
N LEU B 173 -5.60 -4.01 18.05
CA LEU B 173 -4.97 -4.34 19.32
C LEU B 173 -5.15 -3.26 20.38
N ALA B 174 -5.78 -2.15 20.06
CA ALA B 174 -5.93 -1.09 21.04
C ALA B 174 -6.74 -1.56 22.24
N GLY B 175 -7.76 -2.36 22.02
CA GLY B 175 -8.53 -2.87 23.14
C GLY B 175 -7.76 -3.80 24.05
N SER B 176 -6.61 -4.29 23.59
CA SER B 176 -5.72 -5.10 24.41
C SER B 176 -4.62 -4.28 25.06
N GLY B 177 -4.62 -2.97 24.87
CA GLY B 177 -3.67 -2.11 25.53
C GLY B 177 -2.34 -1.94 24.79
N VAL B 178 -2.24 -2.40 23.55
CA VAL B 178 -0.99 -2.40 22.80
C VAL B 178 -0.84 -1.07 22.08
N ARG B 179 0.34 -0.46 22.19
CA ARG B 179 0.62 0.78 21.47
C ARG B 179 1.36 0.42 20.18
N CYS B 180 0.95 1.04 19.09
CA CYS B 180 1.43 0.65 17.77
C CYS B 180 1.74 1.90 16.98
N ASN B 181 3.00 2.09 16.65
CA ASN B 181 3.48 3.33 16.04
C ASN B 181 4.48 3.02 14.95
N LEU B 182 4.88 4.07 14.24
CA LEU B 182 5.80 3.93 13.15
C LEU B 182 6.86 5.01 13.20
N VAL B 183 7.99 4.73 12.55
CA VAL B 183 8.99 5.73 12.25
CA VAL B 183 9.01 5.71 12.26
C VAL B 183 9.25 5.65 10.76
N SER B 184 9.43 6.81 10.14
CA SER B 184 9.60 6.92 8.69
C SER B 184 10.94 7.56 8.40
N PRO B 185 11.98 6.77 8.17
CA PRO B 185 13.28 7.34 7.83
C PRO B 185 13.32 7.93 6.44
N GLY B 186 14.32 8.77 6.23
CA GLY B 186 14.69 9.26 4.93
C GLY B 186 15.19 8.22 3.93
N ILE B 223 21.53 13.45 6.33
CA ILE B 223 20.77 12.21 6.45
C ILE B 223 20.83 11.68 7.88
N ALA B 224 19.71 11.18 8.39
CA ALA B 224 19.65 10.62 9.72
C ALA B 224 20.11 9.16 9.69
N ARG B 225 21.01 8.82 10.58
CA ARG B 225 21.69 7.54 10.61
C ARG B 225 20.90 6.52 11.42
N PRO B 226 21.18 5.23 11.22
CA PRO B 226 20.45 4.20 11.98
C PRO B 226 20.36 4.45 13.47
N GLN B 227 21.39 5.02 14.09
CA GLN B 227 21.31 5.26 15.54
C GLN B 227 20.21 6.27 15.87
N GLU B 228 20.03 7.29 15.03
CA GLU B 228 18.96 8.25 15.30
C GLU B 228 17.59 7.61 15.13
N ILE B 229 17.47 6.69 14.19
CA ILE B 229 16.19 6.00 14.05
C ILE B 229 15.96 5.12 15.26
N ALA B 230 17.00 4.41 15.70
CA ALA B 230 16.87 3.55 16.85
C ALA B 230 16.41 4.36 18.08
N ASN B 231 16.95 5.56 18.25
CA ASN B 231 16.56 6.41 19.37
C ASN B 231 15.07 6.67 19.37
N THR B 232 14.52 6.97 18.19
CA THR B 232 13.10 7.26 18.08
C THR B 232 12.26 6.01 18.31
N ILE B 233 12.74 4.87 17.80
CA ILE B 233 12.05 3.60 18.06
C ILE B 233 11.96 3.32 19.55
N LEU B 234 13.09 3.45 20.27
CA LEU B 234 13.06 3.19 21.71
C LEU B 234 12.14 4.17 22.42
N PHE B 235 12.13 5.44 22.03
CA PHE B 235 11.17 6.37 22.60
C PHE B 235 9.74 5.86 22.42
N LEU B 236 9.39 5.47 21.19
CA LEU B 236 8.01 5.06 20.92
C LEU B 236 7.66 3.76 21.64
N ALA B 237 8.64 2.91 21.89
CA ALA B 237 8.39 1.66 22.59
C ALA B 237 8.33 1.83 24.10
N SER B 238 8.72 3.00 24.60
CA SER B 238 8.95 3.19 26.02
C SER B 238 7.69 3.66 26.75
N SER B 239 7.74 3.54 28.08
CA SER B 239 6.69 4.05 28.95
C SER B 239 6.49 5.54 28.80
N HIS B 240 7.51 6.28 28.34
CA HIS B 240 7.36 7.71 28.10
C HIS B 240 6.40 8.02 26.96
N ALA B 241 6.04 7.02 26.17
CA ALA B 241 5.14 7.23 25.03
C ALA B 241 3.80 6.52 25.27
N SER B 242 3.41 6.35 26.53
CA SER B 242 2.25 5.52 26.83
C SER B 242 0.94 6.08 26.29
N HIS B 243 0.86 7.36 25.94
CA HIS B 243 -0.35 7.93 25.38
C HIS B 243 -0.22 8.19 23.88
N ILE B 244 0.80 7.60 23.25
CA ILE B 244 1.05 7.75 21.83
C ILE B 244 0.74 6.42 21.15
N THR B 245 -0.25 6.41 20.27
CA THR B 245 -0.46 5.26 19.40
C THR B 245 -1.02 5.74 18.08
N LEU B 246 -0.78 4.91 17.06
CA LEU B 246 -1.17 5.16 15.68
C LEU B 246 -0.47 6.39 15.10
N GLN B 247 0.71 6.71 15.62
CA GLN B 247 1.50 7.84 15.15
C GLN B 247 2.67 7.38 14.30
N ASP B 248 3.22 8.31 13.53
CA ASP B 248 4.29 8.03 12.57
C ASP B 248 5.24 9.23 12.62
N ILE B 249 6.42 9.06 13.19
CA ILE B 249 7.38 10.14 13.28
C ILE B 249 8.32 10.04 12.08
N VAL B 250 8.34 11.08 11.23
CA VAL B 250 9.23 11.12 10.08
C VAL B 250 10.56 11.69 10.53
N VAL B 251 11.63 10.94 10.29
CA VAL B 251 12.96 11.31 10.74
C VAL B 251 13.82 11.50 9.49
N ASP B 252 13.69 12.66 8.84
CA ASP B 252 14.37 12.86 7.57
C ASP B 252 14.80 14.31 7.39
N GLY B 253 15.03 15.02 8.50
CA GLY B 253 15.47 16.38 8.38
C GLY B 253 14.46 17.32 7.77
N GLY B 254 13.18 16.95 7.80
CA GLY B 254 12.12 17.82 7.32
C GLY B 254 11.88 17.76 5.83
N SER B 255 12.42 16.76 5.13
CA SER B 255 12.31 16.70 3.68
C SER B 255 10.87 16.67 3.18
N THR B 256 9.92 16.11 3.95
CA THR B 256 8.52 16.06 3.48
C THR B 256 7.74 17.32 3.84
N LEU B 257 8.40 18.30 4.44
CA LEU B 257 7.75 19.57 4.81
C LEU B 257 6.56 19.34 5.73
N GLY B 258 6.61 18.27 6.54
CA GLY B 258 5.55 17.94 7.46
C GLY B 258 4.51 16.97 6.95
N ALA B 259 4.57 16.60 5.68
CA ALA B 259 3.66 15.59 5.17
C ALA B 259 4.07 14.19 5.66
#